data_4C4W
#
_entry.id   4C4W
#
_cell.length_a   135.892
_cell.length_b   155.545
_cell.length_c   146.874
_cell.angle_alpha   90.00
_cell.angle_beta   90.00
_cell.angle_gamma   90.00
#
_symmetry.space_group_name_H-M   'C 2 2 21'
#
loop_
_entity.id
_entity.type
_entity.pdbx_description
1 polymer 'U1 SMALL NUCLEAR RIBONUCLEOPROTEIN A'
2 polymer '50S RIBOSOMAL PROTEIN L7AE'
3 polymer TSKT-23
4 non-polymer 'DIHYDROGENPHOSPHATE ION'
#
loop_
_entity_poly.entity_id
_entity_poly.type
_entity_poly.pdbx_seq_one_letter_code
_entity_poly.pdbx_strand_id
1 'polypeptide(L)'
;MAVPETRPNHTIYINNLNEKIKKDELKKSLYAIFSQFGQILDILVSRSLKMRGQAFVIFKEVSSATNALRSMQGFPFYDK
PMRIQYAKTDSDIIAKMKGTFV
;
A,B,E,F
2 'polypeptide(L)'
;GPEASYVRFEVPEDMQNEALSLLEKVRESGKVKKGTNETTKAVERGLAKLVYIAEDVDPPEIVAHLPLLCEEKNVPYIYV
KSKNDLGRAVGIEVPCASAAIINEGELRKELGSLVEKIKGLQK
;
C,G
3 'polyribonucleotide' GAGCAAGAGCCAUUGCACUCCGGUUUGAUGACCUC D,H
#
loop_
_chem_comp.id
_chem_comp.type
_chem_comp.name
_chem_comp.formula
2HP non-polymer 'DIHYDROGENPHOSPHATE ION' 'H2 O4 P -1'
A RNA linking ADENOSINE-5'-MONOPHOSPHATE 'C10 H14 N5 O7 P'
C RNA linking CYTIDINE-5'-MONOPHOSPHATE 'C9 H14 N3 O8 P'
G RNA linking GUANOSINE-5'-MONOPHOSPHATE 'C10 H14 N5 O8 P'
U RNA linking URIDINE-5'-MONOPHOSPHATE 'C9 H13 N2 O9 P'
#
# COMPACT_ATOMS: atom_id res chain seq x y z
N THR A 6 -4.51 -29.15 50.82
CA THR A 6 -3.67 -30.36 50.78
C THR A 6 -4.48 -31.66 50.57
N ARG A 7 -5.79 -31.61 50.86
CA ARG A 7 -6.66 -32.72 50.51
C ARG A 7 -7.04 -32.64 49.04
N PRO A 8 -6.79 -33.71 48.28
CA PRO A 8 -7.06 -33.88 46.84
C PRO A 8 -8.42 -33.36 46.34
N ASN A 9 -8.37 -32.64 45.22
CA ASN A 9 -9.56 -32.02 44.66
C ASN A 9 -9.51 -32.25 43.16
N HIS A 10 -10.64 -32.19 42.48
CA HIS A 10 -10.64 -32.22 41.02
C HIS A 10 -9.93 -31.00 40.48
N THR A 11 -9.92 -29.90 41.24
CA THR A 11 -9.30 -28.67 40.74
C THR A 11 -7.95 -28.39 41.36
N ILE A 12 -6.97 -28.09 40.51
CA ILE A 12 -5.70 -27.59 41.01
C ILE A 12 -5.63 -26.07 40.87
N TYR A 13 -5.06 -25.47 41.92
CA TYR A 13 -4.81 -24.04 42.03
C TYR A 13 -3.33 -23.80 41.76
N ILE A 14 -3.07 -22.89 40.84
CA ILE A 14 -1.71 -22.64 40.38
C ILE A 14 -1.40 -21.21 40.61
N ASN A 15 -0.21 -20.93 41.11
CA ASN A 15 0.22 -19.54 41.13
C ASN A 15 1.72 -19.42 40.92
N ASN A 16 2.21 -18.20 41.12
CA ASN A 16 3.53 -17.76 40.70
C ASN A 16 3.61 -17.68 39.18
N LEU A 17 2.45 -17.52 38.53
CA LEU A 17 2.40 -17.42 37.08
C LEU A 17 2.97 -16.07 36.61
N ASN A 18 3.37 -16.02 35.34
CA ASN A 18 3.87 -14.78 34.75
C ASN A 18 2.72 -13.78 34.48
N GLU A 19 2.73 -12.70 35.24
CA GLU A 19 1.64 -11.73 35.19
C GLU A 19 1.55 -10.94 33.88
N LYS A 20 2.60 -10.98 33.06
CA LYS A 20 2.57 -10.23 31.80
C LYS A 20 1.79 -10.94 30.68
N ILE A 21 1.59 -12.25 30.81
CA ILE A 21 0.87 -12.98 29.77
C ILE A 21 -0.63 -12.66 29.73
N LYS A 22 -1.12 -12.27 28.56
CA LYS A 22 -2.55 -11.99 28.34
C LYS A 22 -3.40 -13.21 28.67
N LYS A 23 -4.66 -13.00 28.96
CA LYS A 23 -5.51 -14.04 29.55
C LYS A 23 -5.78 -15.22 28.63
N ASP A 24 -6.19 -14.95 27.40
CA ASP A 24 -6.58 -16.03 26.51
C ASP A 24 -5.37 -16.95 26.23
N GLU A 25 -4.23 -16.32 25.94
CA GLU A 25 -2.99 -17.05 25.76
C GLU A 25 -2.70 -17.91 26.99
N LEU A 26 -2.77 -17.30 28.16
CA LEU A 26 -2.54 -18.03 29.40
C LEU A 26 -3.41 -19.28 29.54
N LYS A 27 -4.70 -19.16 29.21
CA LYS A 27 -5.59 -20.32 29.27
C LYS A 27 -5.17 -21.40 28.27
N LYS A 28 -4.76 -20.98 27.08
CA LYS A 28 -4.43 -21.99 26.08
C LYS A 28 -3.12 -22.72 26.39
N SER A 29 -2.11 -21.97 26.82
CA SER A 29 -0.82 -22.55 27.20
C SER A 29 -0.96 -23.52 28.38
N LEU A 30 -1.73 -23.09 29.39
CA LEU A 30 -2.09 -23.97 30.50
C LEU A 30 -2.72 -25.26 30.02
N TYR A 31 -3.72 -25.12 29.15
CA TYR A 31 -4.37 -26.29 28.59
C TYR A 31 -3.44 -27.19 27.80
N ALA A 32 -2.38 -26.66 27.19
CA ALA A 32 -1.42 -27.54 26.51
C ALA A 32 -0.76 -28.47 27.52
N ILE A 33 0.01 -27.81 28.37
CA ILE A 33 0.81 -28.55 29.34
C ILE A 33 -0.01 -29.45 30.25
N PHE A 34 -1.29 -29.11 30.46
CA PHE A 34 -2.09 -29.89 31.41
C PHE A 34 -3.10 -30.83 30.80
N SER A 35 -3.50 -30.59 29.56
CA SER A 35 -4.42 -31.52 28.93
C SER A 35 -3.70 -32.83 28.84
N GLN A 36 -2.38 -32.75 28.71
CA GLN A 36 -1.62 -33.99 28.97
C GLN A 36 -2.21 -35.07 29.95
N PHE A 37 -2.82 -34.64 31.06
CA PHE A 37 -3.06 -35.52 32.20
C PHE A 37 -4.45 -36.11 32.34
N GLY A 38 -5.38 -35.69 31.49
CA GLY A 38 -6.73 -36.21 31.50
C GLY A 38 -7.65 -35.10 31.02
N GLN A 39 -8.96 -35.31 31.04
CA GLN A 39 -9.89 -34.32 30.52
C GLN A 39 -10.06 -33.12 31.44
N ILE A 40 -10.13 -31.94 30.82
CA ILE A 40 -10.22 -30.67 31.54
C ILE A 40 -11.59 -30.03 31.33
N LEU A 41 -12.26 -29.62 32.39
CA LEU A 41 -13.61 -29.12 32.23
C LEU A 41 -13.62 -27.63 31.98
N ASP A 42 -12.66 -26.95 32.57
CA ASP A 42 -12.46 -25.53 32.33
C ASP A 42 -11.15 -25.11 32.95
N ILE A 43 -10.67 -23.94 32.53
CA ILE A 43 -9.52 -23.30 33.12
C ILE A 43 -9.93 -21.87 33.40
N LEU A 44 -9.71 -21.42 34.62
CA LEU A 44 -10.20 -20.10 35.04
C LEU A 44 -9.05 -19.15 35.29
N VAL A 45 -9.07 -18.01 34.62
CA VAL A 45 -8.03 -17.01 34.74
C VAL A 45 -8.65 -15.61 34.84
N SER A 46 -8.15 -14.81 35.78
CA SER A 46 -8.46 -13.40 35.87
C SER A 46 -7.15 -12.62 35.98
N ARG A 47 -7.17 -11.34 35.65
CA ARG A 47 -5.99 -10.50 35.81
C ARG A 47 -6.28 -9.31 36.71
N SER A 48 -7.38 -9.39 37.45
CA SER A 48 -7.71 -8.38 38.42
C SER A 48 -6.64 -8.42 39.49
N LEU A 49 -6.62 -7.40 40.34
CA LEU A 49 -5.64 -7.32 41.41
C LEU A 49 -5.60 -8.61 42.22
N LYS A 50 -6.77 -9.02 42.69
CA LYS A 50 -6.84 -10.11 43.63
C LYS A 50 -6.54 -11.46 42.98
N MET A 51 -6.76 -11.55 41.69
CA MET A 51 -6.74 -12.86 41.03
C MET A 51 -5.65 -13.04 39.99
N ARG A 52 -4.76 -12.05 39.86
CA ARG A 52 -3.69 -12.11 38.88
C ARG A 52 -2.58 -13.04 39.33
N GLY A 53 -1.88 -13.62 38.35
CA GLY A 53 -0.80 -14.55 38.63
C GLY A 53 -1.25 -15.94 39.01
N GLN A 54 -2.56 -16.12 39.14
CA GLN A 54 -3.12 -17.41 39.52
C GLN A 54 -4.02 -18.00 38.42
N ALA A 55 -4.20 -19.31 38.45
CA ALA A 55 -5.20 -19.98 37.61
C ALA A 55 -5.82 -21.20 38.29
N PHE A 56 -7.04 -21.52 37.92
CA PHE A 56 -7.67 -22.79 38.35
C PHE A 56 -7.84 -23.79 37.20
N VAL A 57 -7.28 -24.99 37.29
CA VAL A 57 -7.53 -26.01 36.26
C VAL A 57 -8.47 -27.07 36.81
N ILE A 58 -9.64 -27.21 36.16
CA ILE A 58 -10.69 -28.12 36.63
C ILE A 58 -10.71 -29.45 35.90
N PHE A 59 -10.06 -30.44 36.49
CA PHE A 59 -10.06 -31.79 35.92
C PHE A 59 -11.34 -32.55 36.23
N LYS A 60 -11.70 -33.47 35.36
CA LYS A 60 -12.90 -34.26 35.53
C LYS A 60 -12.68 -35.33 36.58
N GLU A 61 -11.45 -35.84 36.70
CA GLU A 61 -11.13 -36.93 37.62
C GLU A 61 -10.05 -36.54 38.64
N VAL A 62 -10.19 -36.91 39.90
CA VAL A 62 -9.15 -36.54 40.86
C VAL A 62 -7.78 -37.13 40.54
N SER A 63 -7.74 -38.34 39.95
CA SER A 63 -6.43 -38.92 39.63
C SER A 63 -5.64 -38.02 38.69
N SER A 64 -6.37 -37.42 37.75
CA SER A 64 -5.77 -36.51 36.78
C SER A 64 -5.14 -35.37 37.52
N ALA A 65 -5.94 -34.72 38.37
CA ALA A 65 -5.47 -33.65 39.25
C ALA A 65 -4.17 -34.01 39.96
N THR A 66 -4.12 -35.21 40.56
CA THR A 66 -2.98 -35.60 41.37
C THR A 66 -1.74 -35.73 40.50
N ASN A 67 -1.87 -36.41 39.37
CA ASN A 67 -0.71 -36.58 38.48
C ASN A 67 -0.22 -35.28 37.89
N ALA A 68 -1.16 -34.39 37.56
CA ALA A 68 -0.78 -33.07 37.12
C ALA A 68 0.06 -32.38 38.20
N LEU A 69 -0.49 -32.26 39.41
CA LEU A 69 0.20 -31.58 40.49
C LEU A 69 1.60 -32.15 40.74
N ARG A 70 1.68 -33.48 40.78
CA ARG A 70 2.94 -34.17 41.02
C ARG A 70 3.94 -33.97 39.88
N SER A 71 3.45 -33.94 38.66
CA SER A 71 4.30 -33.97 37.49
C SER A 71 4.80 -32.58 37.09
N MET A 72 4.01 -31.55 37.34
CA MET A 72 4.31 -30.21 36.87
C MET A 72 4.77 -29.25 37.97
N GLN A 73 5.07 -29.76 39.15
CA GLN A 73 5.43 -28.87 40.25
C GLN A 73 6.76 -28.17 39.96
N GLY A 74 6.77 -26.85 40.08
CA GLY A 74 7.98 -26.07 39.89
C GLY A 74 8.40 -25.92 38.43
N PHE A 75 7.53 -26.35 37.51
CA PHE A 75 7.82 -26.28 36.07
C PHE A 75 7.90 -24.83 35.60
N PRO A 76 9.01 -24.47 34.94
CA PRO A 76 9.23 -23.12 34.40
C PRO A 76 8.32 -22.80 33.19
N PHE A 77 7.20 -22.16 33.48
CA PHE A 77 6.16 -21.79 32.53
C PHE A 77 6.30 -20.30 32.23
N TYR A 78 6.57 -19.98 30.97
CA TYR A 78 6.91 -18.63 30.58
C TYR A 78 8.06 -18.23 31.49
N ASP A 79 9.11 -19.05 31.47
CA ASP A 79 10.29 -18.83 32.27
C ASP A 79 10.02 -18.50 33.75
N LYS A 80 9.10 -19.21 34.40
CA LYS A 80 8.74 -18.87 35.79
C LYS A 80 8.02 -20.04 36.51
N PRO A 81 8.72 -20.66 37.48
CA PRO A 81 8.37 -21.95 38.12
C PRO A 81 6.97 -22.04 38.74
N MET A 82 6.12 -22.89 38.17
CA MET A 82 4.74 -23.06 38.63
C MET A 82 4.69 -23.59 40.04
N ARG A 83 3.90 -22.95 40.90
CA ARG A 83 3.62 -23.54 42.18
C ARG A 83 2.22 -24.12 42.11
N ILE A 84 2.11 -25.43 42.32
CA ILE A 84 0.79 -26.07 42.26
C ILE A 84 0.34 -26.63 43.61
N GLN A 85 -0.94 -26.50 43.91
CA GLN A 85 -1.53 -27.18 45.06
C GLN A 85 -3.02 -27.41 44.79
N TYR A 86 -3.66 -28.32 45.51
CA TYR A 86 -5.07 -28.57 45.31
C TYR A 86 -5.88 -27.32 45.63
N ALA A 87 -7.06 -27.18 45.05
CA ALA A 87 -7.90 -26.04 45.42
C ALA A 87 -8.47 -26.27 46.80
N LYS A 88 -8.65 -25.19 47.56
CA LYS A 88 -9.26 -25.27 48.89
C LYS A 88 -10.69 -25.87 48.89
N THR A 89 -11.52 -25.48 47.93
CA THR A 89 -12.89 -26.01 47.86
C THR A 89 -13.32 -26.36 46.44
N ASP A 90 -14.33 -27.21 46.30
CA ASP A 90 -14.79 -27.65 44.97
C ASP A 90 -15.16 -26.48 44.07
N SER A 91 -14.79 -26.56 42.80
CA SER A 91 -15.28 -25.60 41.81
C SER A 91 -16.78 -25.83 41.63
N ASP A 92 -17.52 -24.79 41.25
CA ASP A 92 -18.98 -24.93 41.24
C ASP A 92 -19.46 -26.08 40.38
N ILE A 93 -18.92 -26.20 39.16
CA ILE A 93 -19.31 -27.30 38.27
C ILE A 93 -19.11 -28.69 38.90
N ILE A 94 -18.05 -28.83 39.68
CA ILE A 94 -17.80 -30.07 40.39
C ILE A 94 -18.85 -30.34 41.46
N ALA A 95 -19.14 -29.34 42.28
CA ALA A 95 -20.22 -29.44 43.26
C ALA A 95 -21.51 -29.86 42.58
N LYS A 96 -21.86 -29.19 41.48
CA LYS A 96 -23.06 -29.53 40.77
C LYS A 96 -23.04 -31.00 40.39
N MET A 97 -21.88 -31.46 39.94
CA MET A 97 -21.73 -32.87 39.57
C MET A 97 -21.91 -33.83 40.75
N LYS A 98 -21.53 -33.38 41.96
CA LYS A 98 -21.39 -34.28 43.12
C LYS A 98 -22.62 -35.10 43.62
N GLY A 99 -23.79 -34.50 43.83
CA GLY A 99 -24.09 -33.11 43.62
C GLY A 99 -24.53 -32.47 44.91
N THR A 100 -23.80 -31.44 45.30
CA THR A 100 -24.15 -30.68 46.47
C THR A 100 -24.63 -29.37 45.91
N PHE A 101 -23.90 -28.30 46.19
CA PHE A 101 -24.15 -27.03 45.54
C PHE A 101 -25.52 -26.43 45.87
N ARG B 7 24.16 -33.41 15.21
CA ARG B 7 25.19 -32.35 15.29
C ARG B 7 24.61 -31.05 15.82
N PRO B 8 25.03 -30.64 17.03
CA PRO B 8 24.44 -29.52 17.76
C PRO B 8 24.26 -28.22 16.95
N ASN B 9 23.17 -27.52 17.24
CA ASN B 9 22.74 -26.35 16.51
C ASN B 9 22.02 -25.40 17.47
N HIS B 10 21.74 -24.16 17.07
CA HIS B 10 20.99 -23.25 17.93
C HIS B 10 19.51 -23.36 17.65
N THR B 11 19.14 -24.41 16.93
CA THR B 11 17.78 -24.60 16.44
C THR B 11 17.37 -26.05 16.55
N ILE B 12 16.22 -26.31 17.18
CA ILE B 12 15.72 -27.67 17.27
C ILE B 12 14.55 -27.89 16.32
N TYR B 13 14.46 -29.12 15.87
CA TYR B 13 13.41 -29.57 14.99
C TYR B 13 12.49 -30.51 15.78
N ILE B 14 11.20 -30.23 15.72
CA ILE B 14 10.21 -31.01 16.46
C ILE B 14 9.18 -31.67 15.56
N ASN B 15 8.97 -32.96 15.74
CA ASN B 15 7.78 -33.56 15.15
C ASN B 15 6.97 -34.43 16.13
N ASN B 16 5.85 -34.93 15.64
CA ASN B 16 4.81 -35.54 16.43
C ASN B 16 4.08 -34.47 17.22
N LEU B 17 3.97 -33.28 16.64
CA LEU B 17 3.10 -32.25 17.20
C LEU B 17 1.67 -32.56 16.87
N ASN B 18 0.75 -31.91 17.58
CA ASN B 18 -0.67 -32.20 17.45
C ASN B 18 -1.28 -31.38 16.32
N GLU B 19 -1.89 -32.07 15.36
CA GLU B 19 -2.25 -31.44 14.11
C GLU B 19 -3.58 -30.75 14.11
N LYS B 20 -4.26 -30.82 15.24
CA LYS B 20 -5.55 -30.22 15.35
C LYS B 20 -5.40 -28.98 16.20
N ILE B 21 -4.23 -28.34 16.08
CA ILE B 21 -3.93 -27.09 16.78
C ILE B 21 -3.57 -25.99 15.79
N LYS B 22 -4.34 -24.90 15.78
CA LYS B 22 -4.07 -23.75 14.93
C LYS B 22 -2.70 -23.16 15.18
N LYS B 23 -2.16 -22.44 14.19
CA LYS B 23 -0.75 -22.11 14.21
C LYS B 23 -0.34 -21.05 15.22
N ASP B 24 -1.22 -20.09 15.50
CA ASP B 24 -0.84 -18.98 16.38
C ASP B 24 -0.73 -19.46 17.80
N GLU B 25 -1.79 -20.14 18.22
CA GLU B 25 -1.79 -20.83 19.48
C GLU B 25 -0.60 -21.77 19.60
N LEU B 26 -0.32 -22.52 18.53
CA LEU B 26 0.81 -23.44 18.54
C LEU B 26 2.14 -22.70 18.82
N LYS B 27 2.37 -21.63 18.09
CA LYS B 27 3.55 -20.81 18.29
C LYS B 27 3.67 -20.33 19.73
N LYS B 28 2.57 -19.83 20.27
CA LYS B 28 2.59 -19.26 21.62
C LYS B 28 2.87 -20.32 22.67
N SER B 29 2.21 -21.46 22.56
CA SER B 29 2.37 -22.53 23.51
C SER B 29 3.79 -23.04 23.49
N LEU B 30 4.31 -23.24 22.29
CA LEU B 30 5.71 -23.61 22.14
C LEU B 30 6.60 -22.61 22.86
N TYR B 31 6.29 -21.33 22.69
CA TYR B 31 7.11 -20.30 23.34
C TYR B 31 7.02 -20.43 24.86
N ALA B 32 5.79 -20.50 25.36
CA ALA B 32 5.48 -20.74 26.75
C ALA B 32 6.36 -21.82 27.35
N ILE B 33 6.44 -22.97 26.69
CA ILE B 33 7.26 -24.05 27.24
C ILE B 33 8.75 -23.99 26.96
N PHE B 34 9.20 -23.15 26.03
CA PHE B 34 10.63 -23.19 25.66
C PHE B 34 11.45 -21.96 26.05
N SER B 35 10.76 -20.89 26.45
CA SER B 35 11.41 -19.63 26.80
C SER B 35 12.38 -19.80 27.97
N GLN B 36 12.13 -20.80 28.82
CA GLN B 36 12.92 -21.06 30.01
C GLN B 36 14.39 -21.39 29.72
N PHE B 37 14.67 -21.84 28.49
CA PHE B 37 16.01 -22.26 28.11
C PHE B 37 16.87 -21.14 27.48
N GLY B 38 16.31 -19.94 27.35
CA GLY B 38 17.05 -18.81 26.80
C GLY B 38 16.28 -17.97 25.80
N GLN B 39 16.99 -17.10 25.07
CA GLN B 39 16.29 -16.29 24.10
C GLN B 39 15.90 -17.13 22.89
N ILE B 40 14.74 -16.81 22.32
CA ILE B 40 14.23 -17.48 21.15
C ILE B 40 14.12 -16.47 20.03
N LEU B 41 14.89 -16.66 18.97
CA LEU B 41 14.87 -15.72 17.84
C LEU B 41 13.56 -15.88 17.09
N ASP B 42 13.13 -17.12 16.90
CA ASP B 42 11.90 -17.33 16.14
C ASP B 42 11.35 -18.74 16.31
N ILE B 43 10.09 -18.90 15.92
CA ILE B 43 9.40 -20.18 15.92
C ILE B 43 8.66 -20.35 14.60
N LEU B 44 8.95 -21.44 13.88
CA LEU B 44 8.26 -21.70 12.62
C LEU B 44 7.49 -23.00 12.73
N VAL B 45 6.25 -23.02 12.25
CA VAL B 45 5.53 -24.29 12.16
C VAL B 45 5.31 -24.68 10.71
N SER B 46 5.05 -25.95 10.44
CA SER B 46 4.87 -26.40 9.06
C SER B 46 3.57 -25.88 8.42
N ARG B 47 3.58 -25.71 7.12
CA ARG B 47 2.43 -25.12 6.47
C ARG B 47 1.93 -26.11 5.45
N SER B 48 2.81 -27.01 5.03
CA SER B 48 2.44 -28.02 4.04
C SER B 48 1.59 -29.12 4.64
N LEU B 49 1.65 -30.32 4.06
CA LEU B 49 0.87 -31.46 4.55
C LEU B 49 1.68 -32.74 4.43
N LYS B 50 2.96 -32.63 4.75
CA LYS B 50 3.94 -33.64 4.38
C LYS B 50 4.76 -34.38 5.48
N MET B 51 5.28 -33.75 6.54
CA MET B 51 5.22 -32.34 6.99
C MET B 51 3.88 -31.81 7.48
N ARG B 52 3.20 -32.55 8.36
CA ARG B 52 1.93 -32.06 8.88
C ARG B 52 1.98 -31.54 10.33
N GLY B 53 2.77 -32.18 11.19
CA GLY B 53 2.88 -31.72 12.58
C GLY B 53 4.30 -31.40 13.03
N GLN B 54 4.94 -30.45 12.36
CA GLN B 54 6.36 -30.22 12.54
C GLN B 54 6.66 -28.78 12.95
N ALA B 55 7.81 -28.54 13.57
CA ALA B 55 8.21 -27.17 13.88
C ALA B 55 9.71 -26.98 14.01
N PHE B 56 10.14 -25.73 13.92
CA PHE B 56 11.49 -25.36 14.25
C PHE B 56 11.40 -24.34 15.35
N VAL B 57 12.17 -24.52 16.40
CA VAL B 57 12.37 -23.43 17.34
C VAL B 57 13.82 -22.99 17.21
N ILE B 58 14.00 -21.71 16.89
CA ILE B 58 15.31 -21.11 16.74
C ILE B 58 15.65 -20.23 17.93
N PHE B 59 16.56 -20.72 18.75
CA PHE B 59 17.17 -19.96 19.84
C PHE B 59 18.31 -19.11 19.32
N LYS B 60 18.93 -18.34 20.21
CA LYS B 60 20.10 -17.58 19.83
C LYS B 60 21.39 -18.38 20.12
N GLU B 61 21.39 -19.10 21.24
CA GLU B 61 22.58 -19.86 21.67
C GLU B 61 22.43 -21.38 21.49
N VAL B 62 23.53 -22.07 21.17
CA VAL B 62 23.50 -23.53 21.01
C VAL B 62 23.19 -24.23 22.34
N SER B 63 23.72 -23.69 23.44
CA SER B 63 23.46 -24.22 24.79
C SER B 63 21.98 -24.26 25.12
N SER B 64 21.27 -23.17 24.80
CA SER B 64 19.82 -23.13 24.91
C SER B 64 19.19 -24.35 24.24
N ALA B 65 19.53 -24.57 22.96
CA ALA B 65 19.01 -25.70 22.21
C ALA B 65 19.37 -27.05 22.83
N THR B 66 20.53 -27.14 23.47
CA THR B 66 20.95 -28.42 24.05
C THR B 66 20.17 -28.74 25.31
N ASN B 67 20.07 -27.76 26.20
CA ASN B 67 19.23 -27.91 27.38
C ASN B 67 17.80 -28.22 26.99
N ALA B 68 17.28 -27.52 25.99
CA ALA B 68 15.91 -27.76 25.53
C ALA B 68 15.71 -29.20 25.03
N LEU B 69 16.66 -29.65 24.23
CA LEU B 69 16.60 -31.01 23.71
C LEU B 69 16.61 -32.02 24.85
N ARG B 70 17.55 -31.90 25.79
CA ARG B 70 17.60 -32.88 26.89
C ARG B 70 16.34 -32.87 27.72
N SER B 71 15.93 -31.68 28.13
CA SER B 71 14.85 -31.48 29.07
C SER B 71 13.53 -31.94 28.52
N MET B 72 13.21 -31.53 27.29
CA MET B 72 11.85 -31.68 26.79
C MET B 72 11.62 -32.91 25.92
N GLN B 73 12.63 -33.76 25.79
CA GLN B 73 12.47 -34.98 25.00
C GLN B 73 11.27 -35.79 25.48
N GLY B 74 10.30 -35.99 24.59
CA GLY B 74 9.14 -36.78 24.93
C GLY B 74 8.13 -36.11 25.84
N PHE B 75 8.23 -34.79 26.03
CA PHE B 75 7.23 -34.07 26.83
C PHE B 75 5.88 -34.13 26.14
N PRO B 76 4.83 -34.55 26.86
CA PRO B 76 3.51 -34.68 26.25
C PRO B 76 2.79 -33.38 26.04
N PHE B 77 3.19 -32.72 24.97
CA PHE B 77 2.67 -31.42 24.56
C PHE B 77 1.36 -31.63 23.83
N TYR B 78 0.31 -30.92 24.25
CA TYR B 78 -1.04 -31.20 23.78
C TYR B 78 -1.31 -32.71 23.71
N ASP B 79 -0.80 -33.45 24.69
CA ASP B 79 -1.02 -34.90 24.81
C ASP B 79 -0.33 -35.77 23.75
N LYS B 80 0.81 -35.33 23.24
CA LYS B 80 1.65 -36.15 22.37
C LYS B 80 3.11 -35.88 22.64
N PRO B 81 3.84 -36.90 23.09
CA PRO B 81 5.25 -36.68 23.42
C PRO B 81 6.06 -36.26 22.19
N MET B 82 6.80 -35.16 22.32
CA MET B 82 7.55 -34.60 21.21
C MET B 82 8.75 -35.48 20.83
N ARG B 83 9.01 -35.63 19.52
CA ARG B 83 10.36 -36.06 19.11
C ARG B 83 11.13 -34.79 18.77
N ILE B 84 12.22 -34.57 19.49
CA ILE B 84 13.06 -33.39 19.30
C ILE B 84 14.49 -33.77 18.90
N GLN B 85 15.01 -33.11 17.86
CA GLN B 85 16.41 -33.30 17.47
C GLN B 85 17.00 -31.98 17.03
N TYR B 86 18.32 -31.91 16.86
CA TYR B 86 18.95 -30.72 16.28
C TYR B 86 18.56 -30.56 14.82
N ALA B 87 18.19 -29.34 14.42
CA ALA B 87 17.92 -29.09 13.01
C ALA B 87 19.22 -29.21 12.20
N LYS B 88 19.11 -29.71 10.96
CA LYS B 88 20.25 -29.68 10.05
C LYS B 88 20.55 -28.22 9.72
N THR B 89 21.81 -27.93 9.47
CA THR B 89 22.22 -26.54 9.24
C THR B 89 21.46 -25.90 8.07
N ASP B 90 20.90 -24.71 8.34
CA ASP B 90 20.16 -23.91 7.35
C ASP B 90 18.81 -24.48 6.88
N SER B 91 18.36 -25.57 7.49
CA SER B 91 17.12 -26.21 7.07
C SER B 91 15.91 -25.34 7.43
N ASP B 92 16.09 -24.52 8.47
CA ASP B 92 15.08 -23.56 8.91
C ASP B 92 14.95 -22.34 7.99
N ILE B 93 16.06 -21.68 7.64
CA ILE B 93 15.99 -20.55 6.70
C ILE B 93 15.55 -21.01 5.29
N ILE B 94 15.95 -22.21 4.89
CA ILE B 94 15.52 -22.78 3.63
C ILE B 94 14.03 -23.11 3.65
N ALA B 95 13.56 -23.61 4.79
CA ALA B 95 12.12 -23.82 4.98
C ALA B 95 11.34 -22.51 4.87
N LYS B 96 11.82 -21.46 5.53
CA LYS B 96 11.14 -20.18 5.52
C LYS B 96 11.18 -19.52 4.16
N MET B 97 12.27 -19.75 3.43
CA MET B 97 12.44 -19.17 2.09
C MET B 97 11.45 -19.75 1.08
N LYS B 98 11.15 -21.04 1.23
CA LYS B 98 10.04 -21.66 0.51
C LYS B 98 8.86 -21.45 1.42
N GLY B 99 7.74 -22.09 1.12
CA GLY B 99 6.60 -21.99 2.01
C GLY B 99 6.42 -23.19 2.92
N THR B 100 7.43 -24.05 3.01
CA THR B 100 7.34 -25.25 3.81
C THR B 100 7.17 -24.90 5.30
N PHE B 101 8.00 -23.99 5.79
CA PHE B 101 7.76 -23.31 7.08
C PHE B 101 7.86 -24.33 8.24
N VAL C 7 -3.10 27.22 6.35
CA VAL C 7 -4.56 27.16 6.25
C VAL C 7 -5.15 28.05 5.12
N ARG C 8 -5.83 27.39 4.18
CA ARG C 8 -6.26 28.03 2.93
C ARG C 8 -7.56 28.83 3.04
N PHE C 9 -8.58 28.23 3.67
CA PHE C 9 -9.89 28.86 3.79
C PHE C 9 -10.52 28.64 5.16
N GLU C 10 -11.52 29.47 5.48
CA GLU C 10 -12.20 29.40 6.77
C GLU C 10 -13.34 28.39 6.73
N VAL C 11 -13.62 27.74 7.86
CA VAL C 11 -14.69 26.75 7.92
C VAL C 11 -15.57 27.00 9.14
N PRO C 12 -16.88 27.18 8.90
CA PRO C 12 -17.88 27.39 9.97
C PRO C 12 -17.95 26.20 10.92
N GLU C 13 -18.31 26.44 12.19
CA GLU C 13 -18.19 25.45 13.26
C GLU C 13 -19.09 24.21 13.07
N ASP C 14 -20.33 24.45 12.65
CA ASP C 14 -21.30 23.38 12.44
C ASP C 14 -20.87 22.41 11.35
N MET C 15 -20.24 22.93 10.29
CA MET C 15 -19.71 22.10 9.19
C MET C 15 -18.66 21.11 9.71
N GLN C 16 -17.72 21.63 10.49
CA GLN C 16 -16.77 20.79 11.22
C GLN C 16 -17.50 19.74 12.05
N ASN C 17 -18.24 20.19 13.06
CA ASN C 17 -18.94 19.29 14.00
C ASN C 17 -19.67 18.14 13.28
N GLU C 18 -20.33 18.49 12.18
CA GLU C 18 -20.92 17.50 11.27
C GLU C 18 -19.87 16.51 10.74
N ALA C 19 -18.78 17.04 10.17
CA ALA C 19 -17.72 16.19 9.61
C ALA C 19 -17.08 15.23 10.62
N LEU C 20 -17.03 15.67 11.88
CA LEU C 20 -16.49 14.86 12.96
C LEU C 20 -17.47 13.75 13.35
N SER C 21 -18.75 14.11 13.45
CA SER C 21 -19.79 13.10 13.68
C SER C 21 -19.69 12.03 12.59
N LEU C 22 -19.59 12.49 11.35
CA LEU C 22 -19.42 11.61 10.18
C LEU C 22 -18.18 10.73 10.26
N LEU C 23 -17.12 11.23 10.89
CA LEU C 23 -15.92 10.42 11.10
C LEU C 23 -16.19 9.26 12.07
N GLU C 24 -16.69 9.61 13.25
CA GLU C 24 -16.99 8.59 14.26
C GLU C 24 -17.96 7.52 13.71
N LYS C 25 -18.94 7.97 12.94
CA LYS C 25 -19.89 7.04 12.33
C LYS C 25 -19.22 6.17 11.26
N VAL C 26 -18.49 6.80 10.35
CA VAL C 26 -17.91 6.09 9.22
C VAL C 26 -16.91 5.01 9.66
N ARG C 27 -16.37 5.13 10.87
CA ARG C 27 -15.54 4.03 11.37
C ARG C 27 -16.31 2.70 11.52
N GLU C 28 -17.64 2.78 11.55
CA GLU C 28 -18.48 1.60 11.77
C GLU C 28 -18.76 0.80 10.50
N SER C 29 -18.70 1.45 9.35
CA SER C 29 -18.97 0.78 8.08
C SER C 29 -17.84 0.97 7.05
N GLY C 30 -17.14 2.10 7.15
CA GLY C 30 -16.08 2.39 6.20
C GLY C 30 -14.69 2.17 6.78
N LYS C 31 -13.69 2.71 6.08
CA LYS C 31 -12.31 2.55 6.49
C LYS C 31 -11.68 3.92 6.65
N VAL C 32 -10.99 4.11 7.77
CA VAL C 32 -10.34 5.38 8.08
C VAL C 32 -8.84 5.19 8.26
N LYS C 33 -8.06 6.14 7.75
CA LYS C 33 -6.62 6.19 8.00
C LYS C 33 -6.31 7.35 8.92
N LYS C 34 -5.79 7.04 10.11
CA LYS C 34 -5.56 8.05 11.15
C LYS C 34 -4.07 8.37 11.37
N GLY C 35 -3.76 9.67 11.47
CA GLY C 35 -2.39 10.12 11.65
C GLY C 35 -1.77 10.56 10.33
N THR C 36 -0.82 11.49 10.39
CA THR C 36 -0.37 12.18 9.17
C THR C 36 0.41 11.34 8.16
N ASN C 37 1.11 10.32 8.62
CA ASN C 37 1.91 9.52 7.72
C ASN C 37 1.07 8.53 6.94
N GLU C 38 0.14 7.91 7.65
CA GLU C 38 -0.87 7.07 7.03
C GLU C 38 -1.70 7.91 6.04
N THR C 39 -2.08 9.12 6.44
CA THR C 39 -2.94 9.96 5.59
C THR C 39 -2.25 10.43 4.32
N THR C 40 -1.00 10.88 4.46
CA THR C 40 -0.20 11.24 3.30
C THR C 40 -0.07 10.04 2.36
N LYS C 41 0.31 8.89 2.92
CA LYS C 41 0.38 7.66 2.12
C LYS C 41 -0.93 7.36 1.38
N ALA C 42 -2.05 7.40 2.10
CA ALA C 42 -3.36 7.16 1.51
C ALA C 42 -3.60 8.08 0.32
N VAL C 43 -3.36 9.37 0.52
CA VAL C 43 -3.51 10.34 -0.56
C VAL C 43 -2.65 10.01 -1.79
N GLU C 44 -1.35 9.81 -1.56
CA GLU C 44 -0.40 9.49 -2.63
C GLU C 44 -0.83 8.26 -3.44
N ARG C 45 -1.54 7.34 -2.79
CA ARG C 45 -2.01 6.13 -3.47
C ARG C 45 -3.42 6.32 -4.02
N GLY C 46 -3.96 7.53 -3.91
CA GLY C 46 -5.25 7.83 -4.49
C GLY C 46 -6.37 7.00 -3.90
N LEU C 47 -6.23 6.67 -2.63
CA LEU C 47 -7.27 5.95 -1.91
C LEU C 47 -8.12 6.91 -1.11
N ALA C 48 -7.64 8.15 -0.96
CA ALA C 48 -8.31 9.15 -0.13
C ALA C 48 -9.63 9.64 -0.74
N LYS C 49 -10.73 9.49 0.00
CA LYS C 49 -12.02 10.08 -0.40
C LYS C 49 -12.12 11.50 0.14
N LEU C 50 -11.75 11.69 1.41
CA LEU C 50 -11.55 13.07 1.90
C LEU C 50 -10.72 13.17 3.17
N VAL C 51 -9.82 14.16 3.21
CA VAL C 51 -8.93 14.25 4.34
C VAL C 51 -9.30 15.38 5.30
N TYR C 52 -8.89 15.21 6.55
CA TYR C 52 -9.14 16.15 7.62
C TYR C 52 -7.81 16.73 8.05
N ILE C 53 -7.75 18.05 8.17
CA ILE C 53 -6.56 18.72 8.68
C ILE C 53 -6.92 19.55 9.92
N ALA C 54 -6.11 19.44 10.97
CA ALA C 54 -6.33 20.24 12.18
C ALA C 54 -5.71 21.62 12.06
N GLU C 55 -6.28 22.60 12.75
CA GLU C 55 -5.80 23.98 12.63
C GLU C 55 -4.80 24.39 13.70
N ASP C 56 -4.65 23.57 14.74
CA ASP C 56 -3.73 23.91 15.81
C ASP C 56 -2.48 23.02 15.84
N VAL C 57 -2.02 22.58 14.68
CA VAL C 57 -0.80 21.76 14.63
C VAL C 57 0.49 22.59 14.81
N ASP C 58 1.32 22.21 15.78
CA ASP C 58 2.55 22.91 16.09
C ASP C 58 3.68 21.90 16.21
N PRO C 59 4.64 21.91 15.28
CA PRO C 59 4.82 22.86 14.16
C PRO C 59 3.92 22.58 12.98
N PRO C 60 3.57 23.62 12.20
CA PRO C 60 2.66 23.52 11.04
C PRO C 60 3.24 22.71 9.89
N GLU C 61 4.57 22.59 9.82
CA GLU C 61 5.25 21.84 8.76
C GLU C 61 4.84 20.37 8.67
N ILE C 62 4.11 19.89 9.67
CA ILE C 62 3.69 18.50 9.73
C ILE C 62 2.58 18.19 8.73
N VAL C 63 1.60 19.09 8.68
CA VAL C 63 0.45 18.94 7.78
C VAL C 63 0.48 19.92 6.60
N ALA C 64 1.43 20.85 6.63
CA ALA C 64 1.53 21.91 5.64
C ALA C 64 1.54 21.46 4.16
N HIS C 65 1.82 20.18 3.91
CA HIS C 65 1.92 19.69 2.55
C HIS C 65 0.69 18.92 2.10
N LEU C 66 -0.30 18.81 2.97
CA LEU C 66 -1.51 18.08 2.63
C LEU C 66 -2.43 18.78 1.61
N PRO C 67 -2.67 20.10 1.76
CA PRO C 67 -3.50 20.76 0.75
C PRO C 67 -2.95 20.62 -0.68
N LEU C 68 -1.66 20.92 -0.85
CA LEU C 68 -1.04 20.90 -2.17
C LEU C 68 -1.18 19.51 -2.78
N LEU C 69 -0.87 18.49 -1.97
CA LEU C 69 -0.88 17.09 -2.37
C LEU C 69 -2.28 16.54 -2.70
N CYS C 70 -3.29 17.01 -1.96
CA CYS C 70 -4.68 16.68 -2.27
C CYS C 70 -5.08 17.30 -3.59
N GLU C 71 -4.74 18.58 -3.75
CA GLU C 71 -5.05 19.33 -4.97
C GLU C 71 -4.46 18.64 -6.19
N GLU C 72 -3.22 18.15 -6.07
CA GLU C 72 -2.57 17.44 -7.17
C GLU C 72 -3.21 16.07 -7.48
N LYS C 73 -3.86 15.48 -6.47
CA LYS C 73 -4.50 14.17 -6.61
C LYS C 73 -6.03 14.26 -6.60
N ASN C 74 -6.54 15.48 -6.75
CA ASN C 74 -7.99 15.78 -6.70
C ASN C 74 -8.73 15.15 -5.52
N VAL C 75 -8.29 15.52 -4.31
CA VAL C 75 -8.92 15.06 -3.10
C VAL C 75 -9.48 16.25 -2.32
N PRO C 76 -10.78 16.18 -1.97
CA PRO C 76 -11.39 17.25 -1.18
C PRO C 76 -10.85 17.25 0.25
N TYR C 77 -10.78 18.40 0.90
CA TYR C 77 -10.26 18.45 2.27
C TYR C 77 -10.81 19.57 3.14
N ILE C 78 -11.02 19.25 4.42
CA ILE C 78 -11.68 20.16 5.35
C ILE C 78 -10.86 20.37 6.63
N TYR C 79 -10.94 21.59 7.17
CA TYR C 79 -10.24 21.92 8.40
C TYR C 79 -11.13 21.74 9.62
N VAL C 80 -10.51 21.37 10.72
CA VAL C 80 -11.21 21.30 12.00
C VAL C 80 -10.34 22.00 13.05
N LYS C 81 -10.97 22.59 14.06
CA LYS C 81 -10.25 23.44 15.01
C LYS C 81 -9.21 22.69 15.82
N SER C 82 -9.66 21.75 16.65
CA SER C 82 -8.78 21.06 17.57
C SER C 82 -8.35 19.68 17.09
N LYS C 83 -7.12 19.32 17.46
CA LYS C 83 -6.55 18.04 17.08
C LYS C 83 -6.85 17.04 18.18
N ASN C 84 -7.17 17.54 19.38
CA ASN C 84 -7.64 16.67 20.44
C ASN C 84 -9.02 16.16 20.05
N ASP C 85 -9.82 17.05 19.49
CA ASP C 85 -11.13 16.69 18.97
C ASP C 85 -11.01 15.62 17.88
N LEU C 86 -10.07 15.84 16.97
CA LEU C 86 -9.88 14.91 15.86
C LEU C 86 -9.42 13.55 16.36
N GLY C 87 -8.57 13.59 17.38
CA GLY C 87 -8.10 12.40 18.04
C GLY C 87 -9.24 11.62 18.63
N ARG C 88 -10.16 12.31 19.30
CA ARG C 88 -11.34 11.65 19.84
C ARG C 88 -12.21 11.04 18.75
N ALA C 89 -12.36 11.80 17.66
CA ALA C 89 -13.26 11.41 16.57
C ALA C 89 -12.86 10.12 15.85
N VAL C 90 -11.55 9.84 15.81
CA VAL C 90 -11.07 8.66 15.08
C VAL C 90 -10.89 7.48 16.03
N GLY C 91 -11.20 7.70 17.30
CA GLY C 91 -11.22 6.63 18.27
C GLY C 91 -9.89 6.26 18.91
N ILE C 92 -8.97 7.21 19.05
CA ILE C 92 -7.67 6.94 19.69
C ILE C 92 -7.41 7.76 20.97
N GLU C 93 -6.42 7.35 21.76
CA GLU C 93 -6.19 7.93 23.08
C GLU C 93 -5.17 9.06 23.09
N VAL C 94 -4.88 9.61 21.91
CA VAL C 94 -3.94 10.73 21.79
C VAL C 94 -4.49 11.71 20.76
N PRO C 95 -3.88 12.91 20.65
CA PRO C 95 -4.30 13.84 19.59
C PRO C 95 -4.05 13.27 18.19
N CYS C 96 -4.77 13.80 17.21
CA CYS C 96 -4.59 13.39 15.82
C CYS C 96 -4.55 14.66 14.96
N ALA C 97 -3.59 14.74 14.05
CA ALA C 97 -3.35 15.99 13.34
C ALA C 97 -3.97 16.00 11.95
N SER C 98 -4.18 14.81 11.40
CA SER C 98 -4.75 14.70 10.06
C SER C 98 -5.23 13.29 9.80
N ALA C 99 -6.41 13.18 9.22
CA ALA C 99 -6.98 11.86 8.98
C ALA C 99 -7.50 11.78 7.56
N ALA C 100 -7.95 10.61 7.14
CA ALA C 100 -8.51 10.50 5.79
C ALA C 100 -9.51 9.38 5.67
N ILE C 101 -10.67 9.67 5.11
CA ILE C 101 -11.63 8.62 4.75
C ILE C 101 -11.26 8.09 3.38
N ILE C 102 -11.10 6.78 3.30
CA ILE C 102 -10.74 6.09 2.06
C ILE C 102 -11.81 5.08 1.66
N ASN C 103 -12.83 4.95 2.50
CA ASN C 103 -13.99 4.11 2.21
C ASN C 103 -15.13 4.41 3.18
N GLU C 104 -16.36 4.47 2.68
CA GLU C 104 -17.52 4.82 3.52
C GLU C 104 -18.69 3.83 3.48
N GLY C 105 -19.09 3.45 2.28
CA GLY C 105 -20.24 2.57 2.12
C GLY C 105 -21.55 3.21 2.53
N GLU C 106 -21.84 3.19 3.83
CA GLU C 106 -23.16 3.60 4.31
C GLU C 106 -23.44 5.10 4.17
N LEU C 107 -22.41 5.91 4.39
CA LEU C 107 -22.62 7.34 4.51
C LEU C 107 -22.13 8.09 3.29
N ARG C 108 -22.38 7.50 2.12
CA ARG C 108 -21.98 8.09 0.85
C ARG C 108 -22.61 9.45 0.62
N LYS C 109 -23.94 9.52 0.59
CA LYS C 109 -24.63 10.76 0.25
C LYS C 109 -24.37 11.89 1.24
N GLU C 110 -24.10 11.54 2.49
CA GLU C 110 -23.82 12.51 3.55
C GLU C 110 -22.48 13.19 3.28
N LEU C 111 -21.45 12.35 3.12
CA LEU C 111 -20.13 12.78 2.68
C LEU C 111 -20.20 13.62 1.42
N GLY C 112 -20.88 13.06 0.42
CA GLY C 112 -21.20 13.70 -0.84
C GLY C 112 -21.66 15.12 -0.56
N SER C 113 -22.81 15.28 0.13
CA SER C 113 -23.34 16.59 0.49
C SER C 113 -22.32 17.53 1.16
N LEU C 114 -21.46 16.97 2.02
CA LEU C 114 -20.42 17.78 2.66
C LEU C 114 -19.39 18.32 1.65
N VAL C 115 -19.00 17.47 0.69
CA VAL C 115 -18.09 17.86 -0.39
C VAL C 115 -18.46 19.13 -1.17
N GLU C 116 -19.70 19.27 -1.63
CA GLU C 116 -20.11 20.50 -2.33
C GLU C 116 -20.11 21.72 -1.41
N LYS C 117 -20.42 21.49 -0.14
CA LYS C 117 -20.37 22.57 0.85
C LYS C 117 -18.94 23.09 0.97
N ILE C 118 -17.99 22.16 0.91
CA ILE C 118 -16.57 22.52 0.86
C ILE C 118 -16.22 23.23 -0.46
N LYS C 119 -16.85 22.79 -1.55
CA LYS C 119 -16.62 23.39 -2.87
C LYS C 119 -17.17 24.82 -2.96
N GLY C 120 -17.86 25.27 -1.92
CA GLY C 120 -18.32 26.64 -1.81
C GLY C 120 -17.23 27.67 -2.04
N LEU C 121 -16.10 27.51 -1.35
CA LEU C 121 -14.93 28.36 -1.57
C LEU C 121 -13.76 27.54 -2.11
N THR E 6 -0.01 26.23 -49.48
CA THR E 6 0.58 27.57 -49.60
C THR E 6 -0.45 28.67 -49.30
N ARG E 7 -1.72 28.41 -49.59
CA ARG E 7 -2.77 29.35 -49.25
C ARG E 7 -3.20 29.10 -47.81
N PRO E 8 -3.45 30.19 -47.05
CA PRO E 8 -3.71 30.20 -45.61
C PRO E 8 -4.85 29.29 -45.15
N ASN E 9 -4.76 28.88 -43.90
CA ASN E 9 -5.69 27.91 -43.35
C ASN E 9 -5.69 28.05 -41.86
N HIS E 10 -6.79 27.68 -41.22
CA HIS E 10 -6.83 27.63 -39.78
C HIS E 10 -5.79 26.65 -39.25
N THR E 11 -5.59 25.53 -39.95
CA THR E 11 -4.70 24.47 -39.44
C THR E 11 -3.30 24.59 -40.01
N ILE E 12 -2.27 24.51 -39.17
CA ILE E 12 -0.90 24.53 -39.70
C ILE E 12 -0.38 23.12 -39.59
N TYR E 13 0.43 22.73 -40.58
CA TYR E 13 1.02 21.40 -40.69
C TYR E 13 2.52 21.47 -40.39
N ILE E 14 2.91 20.88 -39.26
CA ILE E 14 4.30 20.93 -38.84
C ILE E 14 4.97 19.63 -39.13
N ASN E 15 6.19 19.66 -39.62
CA ASN E 15 6.98 18.44 -39.63
C ASN E 15 8.45 18.69 -39.38
N ASN E 16 9.26 17.67 -39.66
CA ASN E 16 10.63 17.61 -39.16
C ASN E 16 10.67 17.53 -37.63
N LEU E 17 9.55 17.15 -36.99
CA LEU E 17 9.53 17.01 -35.54
C LEU E 17 10.36 15.82 -35.06
N ASN E 18 10.82 15.92 -33.82
CA ASN E 18 11.60 14.86 -33.17
C ASN E 18 10.79 13.60 -32.85
N GLU E 19 11.01 12.55 -33.63
CA GLU E 19 10.24 11.31 -33.54
C GLU E 19 10.38 10.51 -32.25
N LYS E 20 11.46 10.74 -31.50
CA LYS E 20 11.67 10.04 -30.23
C LYS E 20 10.69 10.46 -29.11
N ILE E 21 9.99 11.59 -29.29
CA ILE E 21 9.06 12.07 -28.26
C ILE E 21 7.67 11.42 -28.27
N LYS E 22 7.17 11.07 -27.10
CA LYS E 22 5.87 10.42 -26.99
C LYS E 22 4.71 11.37 -27.30
N LYS E 23 3.66 10.82 -27.88
CA LYS E 23 2.50 11.57 -28.32
C LYS E 23 2.00 12.64 -27.34
N ASP E 24 1.59 12.21 -26.14
CA ASP E 24 0.95 13.11 -25.19
C ASP E 24 1.84 14.31 -24.81
N GLU E 25 3.13 14.04 -24.67
CA GLU E 25 4.09 15.07 -24.32
C GLU E 25 4.16 16.07 -25.47
N LEU E 26 4.28 15.54 -26.68
CA LEU E 26 4.32 16.35 -27.88
C LEU E 26 3.13 17.29 -28.00
N LYS E 27 1.92 16.77 -27.79
CA LYS E 27 0.76 17.64 -27.81
C LYS E 27 0.93 18.75 -26.77
N LYS E 28 1.30 18.37 -25.55
CA LYS E 28 1.48 19.38 -24.50
C LYS E 28 2.52 20.48 -24.80
N SER E 29 3.67 20.11 -25.38
CA SER E 29 4.73 21.08 -25.61
C SER E 29 4.40 21.95 -26.79
N LEU E 30 3.78 21.35 -27.79
CA LEU E 30 3.29 22.12 -28.93
C LEU E 30 2.30 23.19 -28.44
N TYR E 31 1.42 22.82 -27.53
CA TYR E 31 0.55 23.81 -26.93
C TYR E 31 1.36 24.89 -26.20
N ALA E 32 2.38 24.50 -25.44
CA ALA E 32 3.20 25.46 -24.71
C ALA E 32 3.78 26.51 -25.66
N ILE E 33 4.24 26.09 -26.83
CA ILE E 33 4.80 27.09 -27.73
C ILE E 33 3.84 27.81 -28.68
N PHE E 34 2.64 27.26 -28.92
CA PHE E 34 1.75 27.85 -29.91
C PHE E 34 0.53 28.55 -29.37
N SER E 35 0.14 28.23 -28.15
CA SER E 35 -1.00 28.89 -27.54
C SER E 35 -0.78 30.41 -27.43
N GLN E 36 0.47 30.85 -27.48
CA GLN E 36 0.76 32.28 -27.53
C GLN E 36 0.15 33.04 -28.74
N PHE E 37 -0.26 32.34 -29.78
CA PHE E 37 -0.74 33.02 -30.99
C PHE E 37 -2.24 33.17 -31.08
N GLY E 38 -2.98 32.56 -30.15
CA GLY E 38 -4.41 32.67 -30.13
C GLY E 38 -5.01 31.34 -29.75
N GLN E 39 -6.33 31.24 -29.78
CA GLN E 39 -6.98 30.02 -29.35
C GLN E 39 -6.77 28.84 -30.30
N ILE E 40 -6.34 27.74 -29.69
CA ILE E 40 -6.14 26.46 -30.36
C ILE E 40 -7.30 25.51 -30.05
N LEU E 41 -7.94 24.98 -31.10
CA LEU E 41 -9.10 24.11 -30.94
C LEU E 41 -8.67 22.68 -30.67
N ASP E 42 -7.50 22.31 -31.18
CA ASP E 42 -7.06 20.93 -31.12
C ASP E 42 -5.64 20.75 -31.65
N ILE E 43 -4.93 19.73 -31.16
CA ILE E 43 -3.64 19.36 -31.73
C ILE E 43 -3.65 17.89 -32.08
N LEU E 44 -3.43 17.55 -33.35
CA LEU E 44 -3.44 16.13 -33.76
C LEU E 44 -2.05 15.60 -34.04
N VAL E 45 -1.76 14.44 -33.44
CA VAL E 45 -0.44 13.84 -33.41
C VAL E 45 -0.57 12.30 -33.45
N SER E 46 0.22 11.64 -34.28
CA SER E 46 0.17 10.19 -34.47
C SER E 46 1.56 9.61 -34.72
N ARG E 47 1.89 8.49 -34.06
CA ARG E 47 3.26 8.00 -34.15
C ARG E 47 3.38 6.80 -35.07
N SER E 48 2.35 6.64 -35.87
CA SER E 48 2.31 5.65 -36.93
C SER E 48 3.47 5.89 -37.90
N LEU E 49 3.70 4.92 -38.78
CA LEU E 49 4.77 5.03 -39.76
C LEU E 49 4.54 6.18 -40.72
N LYS E 50 3.32 6.31 -41.19
CA LYS E 50 3.01 7.35 -42.15
C LYS E 50 2.90 8.72 -41.48
N MET E 51 2.39 8.79 -40.24
CA MET E 51 2.14 10.11 -39.66
C MET E 51 3.17 10.65 -38.64
N ARG E 52 4.30 9.97 -38.49
CA ARG E 52 5.25 10.38 -37.45
C ARG E 52 6.11 11.56 -37.87
N GLY E 53 6.64 12.29 -36.89
CA GLY E 53 7.44 13.48 -37.13
C GLY E 53 6.59 14.68 -37.48
N GLN E 54 5.28 14.48 -37.54
CA GLN E 54 4.34 15.51 -38.01
C GLN E 54 3.24 15.78 -36.99
N ALA E 55 2.67 16.99 -37.07
CA ALA E 55 1.55 17.36 -36.21
C ALA E 55 0.64 18.36 -36.97
N PHE E 56 -0.64 18.40 -36.61
CA PHE E 56 -1.53 19.44 -37.09
C PHE E 56 -1.98 20.31 -35.91
N VAL E 57 -1.81 21.62 -36.00
CA VAL E 57 -2.28 22.50 -34.92
C VAL E 57 -3.45 23.29 -35.45
N ILE E 58 -4.64 23.08 -34.87
CA ILE E 58 -5.85 23.70 -35.39
C ILE E 58 -6.21 24.98 -34.64
N PHE E 59 -6.07 26.10 -35.33
CA PHE E 59 -6.32 27.42 -34.74
C PHE E 59 -7.73 27.86 -35.02
N LYS E 60 -8.30 28.65 -34.11
CA LYS E 60 -9.65 29.16 -34.28
C LYS E 60 -9.71 30.29 -35.33
N GLU E 61 -8.82 31.27 -35.20
CA GLU E 61 -8.72 32.34 -36.19
C GLU E 61 -7.59 32.09 -37.19
N VAL E 62 -7.80 32.39 -38.47
CA VAL E 62 -6.71 32.24 -39.43
C VAL E 62 -5.55 33.21 -39.15
N SER E 63 -5.83 34.35 -38.51
CA SER E 63 -4.79 35.33 -38.19
C SER E 63 -3.72 34.67 -37.37
N SER E 64 -4.16 33.75 -36.50
CA SER E 64 -3.31 33.05 -35.54
C SER E 64 -2.43 32.01 -36.20
N ALA E 65 -3.04 31.22 -37.09
CA ALA E 65 -2.28 30.33 -37.95
C ALA E 65 -1.18 31.09 -38.67
N THR E 66 -1.55 32.19 -39.36
CA THR E 66 -0.55 32.97 -40.06
C THR E 66 0.57 33.49 -39.16
N ASN E 67 0.21 34.10 -38.03
CA ASN E 67 1.23 34.57 -37.10
C ASN E 67 2.15 33.47 -36.56
N ALA E 68 1.59 32.31 -36.23
CA ALA E 68 2.39 31.20 -35.72
C ALA E 68 3.38 30.69 -36.78
N LEU E 69 2.85 30.39 -37.96
CA LEU E 69 3.68 29.98 -39.09
C LEU E 69 4.82 30.96 -39.28
N ARG E 70 4.51 32.26 -39.29
CA ARG E 70 5.59 33.24 -39.44
C ARG E 70 6.62 33.26 -38.29
N SER E 71 6.18 33.18 -37.04
CA SER E 71 7.07 33.32 -35.89
C SER E 71 7.92 32.10 -35.67
N MET E 72 7.27 30.95 -35.63
CA MET E 72 7.89 29.70 -35.19
C MET E 72 8.62 28.94 -36.29
N GLN E 73 8.58 29.46 -37.51
CA GLN E 73 9.29 28.82 -38.60
C GLN E 73 10.72 28.51 -38.20
N GLY E 74 11.18 27.30 -38.51
CA GLY E 74 12.54 26.93 -38.22
C GLY E 74 12.93 26.79 -36.76
N PHE E 75 12.02 27.09 -35.83
CA PHE E 75 12.30 27.03 -34.39
C PHE E 75 12.74 25.65 -33.94
N PRO E 76 13.93 25.58 -33.31
CA PRO E 76 14.44 24.32 -32.76
C PRO E 76 13.61 23.87 -31.57
N PHE E 77 13.02 22.69 -31.69
CA PHE E 77 12.04 22.18 -30.74
C PHE E 77 12.46 20.75 -30.51
N TYR E 78 12.84 20.43 -29.27
CA TYR E 78 13.59 19.20 -28.98
C TYR E 78 14.82 19.11 -29.89
N ASP E 79 15.52 20.23 -30.03
CA ASP E 79 16.72 20.33 -30.86
C ASP E 79 16.52 19.92 -32.34
N LYS E 80 15.37 20.25 -32.92
CA LYS E 80 15.14 20.11 -34.38
C LYS E 80 14.27 21.24 -34.93
N PRO E 81 14.83 21.98 -35.91
CA PRO E 81 14.14 23.14 -36.50
C PRO E 81 12.81 22.74 -37.13
N MET E 82 11.70 23.21 -36.57
CA MET E 82 10.38 22.94 -37.12
C MET E 82 10.25 23.39 -38.56
N ARG E 83 9.54 22.61 -39.35
CA ARG E 83 9.18 23.06 -40.67
C ARG E 83 7.65 23.27 -40.69
N ILE E 84 7.20 24.53 -40.65
CA ILE E 84 5.77 24.82 -40.65
C ILE E 84 5.20 25.21 -42.01
N GLN E 85 4.04 24.64 -42.36
CA GLN E 85 3.26 25.05 -43.54
C GLN E 85 1.80 25.20 -43.18
N TYR E 86 0.98 25.59 -44.13
CA TYR E 86 -0.47 25.55 -43.95
C TYR E 86 -0.95 24.17 -44.39
N ALA E 87 -2.09 23.74 -43.87
CA ALA E 87 -2.58 22.41 -44.17
C ALA E 87 -3.22 22.45 -45.55
N LYS E 88 -2.98 21.43 -46.38
CA LYS E 88 -3.61 21.37 -47.70
C LYS E 88 -5.14 21.45 -47.65
N THR E 89 -5.75 20.87 -46.63
CA THR E 89 -7.22 20.95 -46.53
C THR E 89 -7.71 21.38 -45.17
N ASP E 90 -8.97 21.83 -45.10
CA ASP E 90 -9.57 22.15 -43.81
C ASP E 90 -9.60 20.92 -42.92
N SER E 91 -9.30 21.11 -41.64
CA SER E 91 -9.54 20.03 -40.69
C SER E 91 -11.05 19.86 -40.50
N ASP E 92 -11.46 18.64 -40.13
CA ASP E 92 -12.87 18.34 -39.95
C ASP E 92 -13.63 19.31 -39.06
N ILE E 93 -13.04 19.67 -37.92
CA ILE E 93 -13.70 20.61 -37.01
C ILE E 93 -13.87 22.01 -37.63
N ILE E 94 -12.86 22.47 -38.37
CA ILE E 94 -13.01 23.70 -39.13
C ILE E 94 -14.09 23.56 -40.20
N ALA E 95 -13.99 22.51 -41.03
CA ALA E 95 -15.03 22.25 -42.02
C ALA E 95 -16.42 22.29 -41.41
N LYS E 96 -16.55 21.85 -40.17
CA LYS E 96 -17.82 21.91 -39.46
C LYS E 96 -18.22 23.32 -39.01
N MET E 97 -17.25 24.11 -38.54
CA MET E 97 -17.52 25.50 -38.13
C MET E 97 -18.12 26.26 -39.30
N LYS E 98 -17.49 26.13 -40.45
CA LYS E 98 -18.03 26.58 -41.73
C LYS E 98 -19.09 25.58 -42.08
N GLY E 99 -19.97 25.88 -43.01
CA GLY E 99 -21.02 24.91 -43.29
C GLY E 99 -20.59 23.79 -44.21
N THR E 100 -19.30 23.51 -44.26
CA THR E 100 -18.73 22.73 -45.36
C THR E 100 -18.40 21.25 -45.10
N PHE E 101 -18.67 20.75 -43.89
CA PHE E 101 -18.38 19.35 -43.59
C PHE E 101 -19.30 18.40 -44.34
N VAL E 102 -18.78 17.24 -44.72
CA VAL E 102 -19.56 16.23 -45.41
C VAL E 102 -19.25 14.83 -44.90
N ARG F 7 25.46 39.18 -14.40
CA ARG F 7 26.52 38.35 -13.81
C ARG F 7 26.40 36.88 -14.23
N PRO F 8 27.21 36.47 -15.23
CA PRO F 8 27.12 35.16 -15.92
C PRO F 8 27.28 33.92 -15.02
N ASN F 9 26.79 32.79 -15.52
CA ASN F 9 26.69 31.52 -14.78
C ASN F 9 26.18 30.44 -15.73
N HIS F 10 26.20 29.18 -15.29
CA HIS F 10 25.74 28.07 -16.12
C HIS F 10 24.33 27.63 -15.71
N THR F 11 23.68 28.41 -14.86
CA THR F 11 22.30 28.10 -14.47
C THR F 11 21.41 29.31 -14.58
N ILE F 12 20.31 29.17 -15.31
CA ILE F 12 19.40 30.30 -15.48
C ILE F 12 18.16 30.20 -14.59
N TYR F 13 17.68 31.39 -14.21
CA TYR F 13 16.54 31.58 -13.32
C TYR F 13 15.41 32.30 -14.05
N ILE F 14 14.32 31.57 -14.27
CA ILE F 14 13.18 32.07 -15.01
C ILE F 14 12.06 32.42 -14.04
N ASN F 15 11.31 33.47 -14.36
CA ASN F 15 9.98 33.61 -13.78
C ASN F 15 9.03 34.31 -14.71
N ASN F 16 7.81 34.47 -14.22
CA ASN F 16 6.64 34.77 -15.03
C ASN F 16 6.14 33.55 -15.82
N LEU F 17 6.34 32.36 -15.24
CA LEU F 17 5.74 31.13 -15.74
C LEU F 17 4.29 31.07 -15.25
N ASN F 18 3.44 30.32 -15.94
CA ASN F 18 2.06 30.09 -15.50
C ASN F 18 2.05 29.02 -14.43
N GLU F 19 1.50 29.32 -13.25
CA GLU F 19 1.56 28.37 -12.13
C GLU F 19 0.53 27.24 -12.24
N LYS F 20 -0.51 27.47 -13.04
CA LYS F 20 -1.62 26.53 -13.14
C LYS F 20 -1.30 25.25 -13.95
N ILE F 21 -0.14 25.25 -14.59
CA ILE F 21 0.31 24.12 -15.39
C ILE F 21 0.89 23.04 -14.48
N LYS F 22 0.49 21.78 -14.68
CA LYS F 22 1.07 20.65 -13.95
C LYS F 22 2.58 20.57 -14.16
N LYS F 23 3.31 20.20 -13.10
CA LYS F 23 4.75 20.43 -13.08
C LYS F 23 5.61 19.48 -13.92
N ASP F 24 5.14 18.26 -14.14
CA ASP F 24 5.89 17.34 -15.00
C ASP F 24 5.78 17.91 -16.39
N GLU F 25 4.58 18.35 -16.71
CA GLU F 25 4.34 18.97 -18.00
C GLU F 25 5.25 20.18 -18.16
N LEU F 26 5.22 21.07 -17.18
CA LEU F 26 6.07 22.23 -17.21
C LEU F 26 7.55 21.89 -17.44
N LYS F 27 8.03 20.87 -16.74
CA LYS F 27 9.40 20.41 -16.90
C LYS F 27 9.68 19.95 -18.33
N LYS F 28 8.81 19.09 -18.84
CA LYS F 28 9.04 18.54 -20.16
C LYS F 28 9.02 19.65 -21.22
N SER F 29 8.14 20.64 -21.04
CA SER F 29 8.04 21.75 -21.97
C SER F 29 9.28 22.63 -21.94
N LEU F 30 9.75 22.95 -20.74
CA LEU F 30 10.98 23.73 -20.66
C LEU F 30 12.11 22.97 -21.36
N TYR F 31 12.12 21.65 -21.21
CA TYR F 31 13.15 20.86 -21.88
C TYR F 31 12.99 20.99 -23.39
N ALA F 32 11.75 21.04 -23.84
CA ALA F 32 11.45 21.07 -25.26
C ALA F 32 11.98 22.36 -25.86
N ILE F 33 11.97 23.43 -25.09
CA ILE F 33 12.45 24.69 -25.64
C ILE F 33 13.90 25.05 -25.35
N PHE F 34 14.49 24.47 -24.30
CA PHE F 34 15.85 24.85 -23.93
C PHE F 34 16.93 23.86 -24.34
N SER F 35 16.56 22.64 -24.69
CA SER F 35 17.57 21.63 -24.98
C SER F 35 18.37 21.93 -26.24
N GLN F 36 17.94 22.93 -27.01
CA GLN F 36 18.68 23.35 -28.20
C GLN F 36 19.98 24.06 -27.85
N PHE F 37 20.04 24.64 -26.66
CA PHE F 37 21.18 25.46 -26.31
C PHE F 37 22.36 24.66 -25.77
N GLY F 38 22.13 23.39 -25.44
CA GLY F 38 23.19 22.53 -24.95
C GLY F 38 22.69 21.40 -24.08
N GLN F 39 23.62 20.78 -23.34
CA GLN F 39 23.24 19.69 -22.43
C GLN F 39 22.66 20.22 -21.13
N ILE F 40 21.48 19.73 -20.79
CA ILE F 40 20.80 20.13 -19.57
C ILE F 40 21.00 19.07 -18.49
N LEU F 41 21.45 19.49 -17.31
CA LEU F 41 21.74 18.56 -16.22
C LEU F 41 20.50 18.34 -15.37
N ASP F 42 19.73 19.42 -15.20
CA ASP F 42 18.51 19.35 -14.41
C ASP F 42 17.63 20.56 -14.63
N ILE F 43 16.32 20.34 -14.48
CA ILE F 43 15.35 21.42 -14.46
C ILE F 43 14.54 21.35 -13.18
N LEU F 44 14.46 22.47 -12.46
CA LEU F 44 13.69 22.55 -11.22
C LEU F 44 12.54 23.54 -11.40
N VAL F 45 11.31 23.16 -11.03
CA VAL F 45 10.20 24.12 -11.05
C VAL F 45 9.51 24.22 -9.69
N SER F 46 9.17 25.44 -9.28
CA SER F 46 8.54 25.64 -7.97
C SER F 46 7.29 24.79 -7.91
N ARG F 47 7.03 24.19 -6.75
CA ARG F 47 5.94 23.26 -6.62
C ARG F 47 4.87 23.98 -5.87
N SER F 48 3.98 24.61 -6.63
CA SER F 48 2.93 25.45 -6.08
C SER F 48 2.09 25.97 -7.24
N LEU F 49 0.78 25.78 -7.14
CA LEU F 49 -0.13 26.14 -8.21
C LEU F 49 -0.82 27.46 -7.92
N LYS F 50 -0.41 28.07 -6.80
CA LYS F 50 -0.98 29.36 -6.40
C LYS F 50 0.03 30.49 -6.55
N MET F 51 1.24 30.29 -6.03
CA MET F 51 2.30 31.28 -6.19
C MET F 51 3.14 31.00 -7.43
N ARG F 52 3.54 32.08 -8.12
CA ARG F 52 4.57 32.06 -9.15
C ARG F 52 5.67 31.06 -8.77
N GLY F 53 6.06 30.17 -9.67
CA GLY F 53 5.84 30.26 -11.10
C GLY F 53 7.26 30.46 -11.60
N GLN F 54 8.15 29.64 -11.08
CA GLN F 54 9.58 29.91 -11.15
C GLN F 54 10.33 28.63 -11.48
N ALA F 55 11.57 28.78 -11.93
CA ALA F 55 12.34 27.63 -12.35
C ALA F 55 13.83 27.89 -12.45
N PHE F 56 14.59 26.80 -12.45
CA PHE F 56 16.01 26.84 -12.76
C PHE F 56 16.28 25.83 -13.87
N VAL F 57 17.00 26.27 -14.88
CA VAL F 57 17.51 25.33 -15.86
C VAL F 57 19.02 25.31 -15.71
N ILE F 58 19.55 24.14 -15.37
CA ILE F 58 20.99 23.98 -15.19
C ILE F 58 21.62 23.37 -16.44
N PHE F 59 22.45 24.18 -17.11
CA PHE F 59 23.23 23.72 -18.24
C PHE F 59 24.61 23.22 -17.78
N LYS F 60 25.21 22.33 -18.58
CA LYS F 60 26.60 21.93 -18.39
C LYS F 60 27.56 23.13 -18.52
N GLU F 61 27.40 23.91 -19.59
CA GLU F 61 28.36 24.95 -19.93
C GLU F 61 27.77 26.38 -19.90
N VAL F 62 28.58 27.33 -19.42
CA VAL F 62 28.16 28.72 -19.30
C VAL F 62 27.67 29.29 -20.63
N SER F 63 28.42 29.01 -21.70
CA SER F 63 28.04 29.43 -23.05
C SER F 63 26.58 29.12 -23.37
N SER F 64 26.13 27.93 -22.98
CA SER F 64 24.75 27.52 -23.18
C SER F 64 23.76 28.36 -22.36
N ALA F 65 24.04 28.53 -21.08
CA ALA F 65 23.25 29.43 -20.27
C ALA F 65 23.11 30.79 -20.95
N THR F 66 24.23 31.34 -21.39
CA THR F 66 24.28 32.65 -22.03
C THR F 66 23.42 32.75 -23.29
N ASN F 67 23.55 31.76 -24.16
CA ASN F 67 22.75 31.74 -25.38
C ASN F 67 21.26 31.66 -25.06
N ALA F 68 20.91 30.75 -24.16
CA ALA F 68 19.53 30.58 -23.75
C ALA F 68 18.97 31.90 -23.24
N LEU F 69 19.75 32.56 -22.39
CA LEU F 69 19.32 33.82 -21.81
C LEU F 69 19.07 34.87 -22.88
N ARG F 70 20.08 35.14 -23.70
CA ARG F 70 20.00 36.14 -24.76
C ARG F 70 18.84 35.88 -25.72
N SER F 71 18.60 34.61 -26.00
CA SER F 71 17.74 34.20 -27.11
C SER F 71 16.28 33.94 -26.71
N MET F 72 16.07 33.44 -25.51
CA MET F 72 14.73 33.13 -25.03
C MET F 72 14.16 34.21 -24.13
N GLN F 73 14.89 35.30 -23.94
CA GLN F 73 14.39 36.38 -23.09
C GLN F 73 13.10 36.96 -23.67
N GLY F 74 12.05 36.94 -22.86
CA GLY F 74 10.78 37.51 -23.27
C GLY F 74 9.88 36.59 -24.09
N PHE F 75 10.35 35.37 -24.34
CA PHE F 75 9.57 34.42 -25.14
C PHE F 75 8.27 34.05 -24.43
N PRO F 76 7.13 34.14 -25.15
CA PRO F 76 5.84 33.85 -24.52
C PRO F 76 5.51 32.35 -24.46
N PHE F 77 5.91 31.77 -23.33
CA PHE F 77 5.79 30.35 -23.03
C PHE F 77 4.44 30.17 -22.33
N TYR F 78 3.56 29.36 -22.92
CA TYR F 78 2.23 29.18 -22.35
C TYR F 78 1.54 30.51 -22.29
N ASP F 79 1.80 31.33 -23.30
CA ASP F 79 1.20 32.66 -23.45
C ASP F 79 1.63 33.69 -22.41
N LYS F 80 2.81 33.54 -21.81
CA LYS F 80 3.35 34.61 -20.95
C LYS F 80 4.85 34.74 -21.12
N PRO F 81 5.33 35.96 -21.39
CA PRO F 81 6.75 36.20 -21.68
C PRO F 81 7.67 35.90 -20.49
N MET F 82 8.77 35.20 -20.75
CA MET F 82 9.64 34.76 -19.69
C MET F 82 10.57 35.89 -19.26
N ARG F 83 10.90 35.90 -17.97
CA ARG F 83 12.00 36.73 -17.48
C ARG F 83 13.13 35.79 -17.14
N ILE F 84 14.26 35.98 -17.80
CA ILE F 84 15.40 35.11 -17.59
C ILE F 84 16.60 35.89 -17.09
N GLN F 85 17.09 35.55 -15.91
CA GLN F 85 18.35 36.13 -15.43
C GLN F 85 19.30 35.03 -14.99
N TYR F 86 20.58 35.33 -14.93
CA TYR F 86 21.49 34.31 -14.42
C TYR F 86 21.21 34.10 -12.94
N ALA F 87 21.30 32.87 -12.49
CA ALA F 87 21.25 32.58 -11.07
C ALA F 87 22.67 32.17 -10.66
N LYS F 88 23.14 32.48 -9.45
CA LYS F 88 22.47 33.31 -8.44
C LYS F 88 23.38 33.90 -7.36
N THR F 89 24.36 33.18 -6.80
CA THR F 89 24.91 31.88 -7.26
C THR F 89 24.43 30.63 -6.49
N ASP F 90 24.74 29.45 -7.05
CA ASP F 90 24.54 28.10 -6.44
C ASP F 90 23.15 27.74 -5.90
N SER F 91 22.11 28.27 -6.53
CA SER F 91 20.76 28.20 -5.98
C SER F 91 19.99 26.92 -6.33
N ASP F 92 20.55 26.07 -7.18
CA ASP F 92 19.89 24.81 -7.52
C ASP F 92 19.75 23.85 -6.34
N ILE F 93 20.87 23.53 -5.68
CA ILE F 93 20.85 22.69 -4.49
C ILE F 93 20.22 23.40 -3.30
N ILE F 94 20.28 24.73 -3.30
CA ILE F 94 19.65 25.53 -2.26
C ILE F 94 18.14 25.36 -2.31
N ALA F 95 17.57 25.66 -3.47
CA ALA F 95 16.13 25.58 -3.69
C ALA F 95 15.66 24.15 -3.56
N LYS F 96 16.49 23.21 -4.03
CA LYS F 96 16.20 21.80 -3.89
C LYS F 96 16.22 21.39 -2.41
N MET F 97 17.05 22.07 -1.61
CA MET F 97 17.20 21.73 -0.20
C MET F 97 15.97 22.11 0.61
N LYS F 98 15.54 23.36 0.49
CA LYS F 98 14.34 23.80 1.20
C LYS F 98 13.10 23.15 0.62
N GLY F 99 13.16 21.82 0.46
CA GLY F 99 12.06 21.00 0.00
C GLY F 99 11.38 21.45 -1.27
N THR F 100 10.90 22.68 -1.25
CA THR F 100 9.99 23.12 -2.27
C THR F 100 10.19 24.56 -2.74
N PHE F 101 10.38 24.71 -4.05
CA PHE F 101 10.87 23.64 -4.91
C PHE F 101 11.89 24.34 -5.80
N VAL F 102 11.61 25.62 -6.09
CA VAL F 102 12.65 26.58 -6.46
C VAL F 102 12.33 27.95 -5.85
N SER G 5 4.87 -28.26 -4.48
CA SER G 5 4.14 -27.10 -4.98
C SER G 5 3.61 -26.18 -3.85
N TYR G 6 3.06 -25.05 -4.29
CA TYR G 6 2.44 -24.04 -3.43
C TYR G 6 0.96 -24.00 -3.74
N VAL G 7 0.51 -25.03 -4.47
CA VAL G 7 -0.89 -25.12 -4.87
C VAL G 7 -1.69 -25.89 -3.83
N ARG G 8 -2.48 -25.16 -3.06
CA ARG G 8 -3.18 -25.70 -1.91
C ARG G 8 -4.37 -26.56 -2.32
N PHE G 9 -5.02 -26.19 -3.42
CA PHE G 9 -6.21 -26.90 -3.86
C PHE G 9 -6.33 -26.92 -5.39
N GLU G 10 -6.96 -27.96 -5.92
CA GLU G 10 -7.13 -28.09 -7.37
C GLU G 10 -8.26 -27.19 -7.85
N VAL G 11 -8.13 -26.68 -9.07
CA VAL G 11 -9.08 -25.72 -9.61
C VAL G 11 -9.58 -26.17 -10.98
N PRO G 12 -10.90 -26.32 -11.12
CA PRO G 12 -11.55 -26.76 -12.37
C PRO G 12 -11.29 -25.82 -13.54
N GLU G 13 -11.38 -26.33 -14.75
CA GLU G 13 -11.02 -25.56 -15.94
C GLU G 13 -11.98 -24.39 -16.19
N ASP G 14 -13.28 -24.67 -16.11
CA ASP G 14 -14.30 -23.67 -16.37
C ASP G 14 -14.20 -22.51 -15.38
N MET G 15 -13.83 -22.83 -14.15
CA MET G 15 -13.68 -21.83 -13.11
C MET G 15 -12.49 -20.90 -13.40
N GLN G 16 -11.38 -21.49 -13.85
CA GLN G 16 -10.22 -20.71 -14.27
C GLN G 16 -10.58 -19.76 -15.39
N ASN G 17 -11.13 -20.30 -16.48
CA ASN G 17 -11.45 -19.46 -17.64
C ASN G 17 -12.48 -18.38 -17.33
N GLU G 18 -13.43 -18.70 -16.48
CA GLU G 18 -14.40 -17.71 -16.03
C GLU G 18 -13.71 -16.60 -15.25
N ALA G 19 -12.86 -16.98 -14.30
CA ALA G 19 -12.12 -16.00 -13.52
C ALA G 19 -11.29 -15.09 -14.40
N LEU G 20 -10.65 -15.67 -15.40
CA LEU G 20 -9.80 -14.91 -16.29
C LEU G 20 -10.61 -13.94 -17.15
N SER G 21 -11.71 -14.43 -17.68
CA SER G 21 -12.56 -13.58 -18.50
C SER G 21 -13.09 -12.41 -17.68
N LEU G 22 -13.58 -12.72 -16.49
CA LEU G 22 -13.98 -11.72 -15.52
C LEU G 22 -12.87 -10.71 -15.29
N LEU G 23 -11.69 -11.22 -14.96
CA LEU G 23 -10.54 -10.38 -14.70
C LEU G 23 -10.25 -9.42 -15.84
N GLU G 24 -10.34 -9.93 -17.07
CA GLU G 24 -10.11 -9.09 -18.24
C GLU G 24 -11.17 -8.01 -18.31
N LYS G 25 -12.39 -8.35 -17.91
CA LYS G 25 -13.46 -7.35 -17.93
C LYS G 25 -13.32 -6.26 -16.86
N VAL G 26 -12.88 -6.63 -15.65
CA VAL G 26 -12.76 -5.65 -14.55
C VAL G 26 -11.90 -4.42 -14.88
N ARG G 27 -11.07 -4.51 -15.93
CA ARG G 27 -10.15 -3.43 -16.29
C ARG G 27 -10.80 -2.12 -16.80
N GLU G 28 -12.10 -1.94 -16.58
CA GLU G 28 -12.79 -0.72 -17.05
C GLU G 28 -13.66 -0.01 -16.00
N SER G 29 -14.30 -0.75 -15.11
CA SER G 29 -15.03 -0.12 -14.00
C SER G 29 -14.34 -0.33 -12.66
N GLY G 30 -13.07 -0.74 -12.70
CA GLY G 30 -12.32 -1.04 -11.50
C GLY G 30 -10.82 -1.02 -11.71
N LYS G 31 -10.07 -1.30 -10.65
CA LYS G 31 -8.62 -1.25 -10.72
C LYS G 31 -8.04 -2.64 -10.51
N VAL G 32 -6.87 -2.86 -11.11
CA VAL G 32 -6.19 -4.15 -11.04
C VAL G 32 -4.66 -3.99 -10.85
N LYS G 33 -4.10 -4.62 -9.82
CA LYS G 33 -2.64 -4.64 -9.65
C LYS G 33 -2.07 -5.87 -10.33
N LYS G 34 -0.96 -5.69 -11.04
CA LYS G 34 -0.44 -6.72 -11.91
C LYS G 34 1.05 -6.97 -11.65
N GLY G 35 1.40 -8.16 -11.20
CA GLY G 35 2.79 -8.47 -10.87
C GLY G 35 2.94 -8.79 -9.40
N THR G 36 3.89 -9.66 -9.11
CA THR G 36 3.99 -10.20 -7.76
C THR G 36 4.31 -9.17 -6.69
N ASN G 37 5.08 -8.15 -7.03
CA ASN G 37 5.41 -7.14 -6.04
C ASN G 37 4.22 -6.20 -5.77
N GLU G 38 3.61 -5.70 -6.83
CA GLU G 38 2.38 -4.90 -6.74
C GLU G 38 1.25 -5.70 -6.07
N THR G 39 1.13 -7.00 -6.38
CA THR G 39 0.11 -7.85 -5.76
C THR G 39 0.34 -8.03 -4.26
N THR G 40 1.56 -8.41 -3.91
CA THR G 40 1.93 -8.55 -2.52
C THR G 40 1.63 -7.25 -1.76
N LYS G 41 1.99 -6.11 -2.34
CA LYS G 41 1.72 -4.82 -1.70
C LYS G 41 0.24 -4.53 -1.55
N ALA G 42 -0.53 -4.79 -2.61
CA ALA G 42 -1.97 -4.55 -2.59
C ALA G 42 -2.59 -5.32 -1.43
N VAL G 43 -2.24 -6.60 -1.33
CA VAL G 43 -2.73 -7.42 -0.22
C VAL G 43 -2.27 -6.89 1.14
N GLU G 44 -0.98 -6.64 1.31
CA GLU G 44 -0.48 -6.11 2.59
C GLU G 44 -1.15 -4.83 3.03
N ARG G 45 -1.41 -3.93 2.08
CA ARG G 45 -2.04 -2.67 2.41
C ARG G 45 -3.53 -2.85 2.63
N GLY G 46 -4.00 -4.10 2.53
CA GLY G 46 -5.40 -4.43 2.76
C GLY G 46 -6.37 -3.93 1.69
N LEU G 47 -5.97 -3.96 0.43
CA LEU G 47 -6.82 -3.45 -0.66
C LEU G 47 -7.32 -4.56 -1.60
N ALA G 48 -6.75 -5.75 -1.48
CA ALA G 48 -7.09 -6.88 -2.34
C ALA G 48 -8.54 -7.33 -2.21
N LYS G 49 -9.18 -7.59 -3.36
CA LYS G 49 -10.54 -8.12 -3.39
C LYS G 49 -10.48 -9.60 -3.78
N LEU G 50 -9.59 -9.91 -4.72
CA LEU G 50 -9.33 -11.28 -5.11
C LEU G 50 -7.97 -11.34 -5.80
N VAL G 51 -7.15 -12.34 -5.46
CA VAL G 51 -5.88 -12.48 -6.18
C VAL G 51 -5.80 -13.72 -7.07
N TYR G 52 -5.02 -13.61 -8.14
CA TYR G 52 -4.82 -14.70 -9.09
C TYR G 52 -3.36 -15.17 -9.02
N ILE G 53 -3.15 -16.46 -8.77
CA ILE G 53 -1.80 -17.01 -8.78
C ILE G 53 -1.59 -18.04 -9.89
N ALA G 54 -0.57 -17.81 -10.71
CA ALA G 54 -0.21 -18.75 -11.77
C ALA G 54 0.47 -19.99 -11.20
N GLU G 55 0.14 -21.17 -11.73
CA GLU G 55 0.74 -22.43 -11.26
C GLU G 55 2.14 -22.73 -11.85
N ASP G 56 2.33 -22.43 -13.13
CA ASP G 56 3.61 -22.70 -13.78
C ASP G 56 4.76 -21.75 -13.41
N VAL G 57 4.68 -21.07 -12.28
CA VAL G 57 5.73 -20.12 -11.90
C VAL G 57 6.99 -20.86 -11.43
N ASP G 58 8.15 -20.40 -11.88
CA ASP G 58 9.41 -21.10 -11.61
C ASP G 58 10.60 -20.13 -11.67
N PRO G 59 11.34 -19.97 -10.55
CA PRO G 59 11.23 -20.66 -9.26
C PRO G 59 9.99 -20.32 -8.44
N PRO G 60 9.38 -21.33 -7.80
CA PRO G 60 8.12 -21.24 -7.05
C PRO G 60 8.21 -20.27 -5.89
N GLU G 61 9.41 -20.06 -5.37
CA GLU G 61 9.63 -19.12 -4.29
C GLU G 61 9.07 -17.73 -4.57
N ILE G 62 8.84 -17.43 -5.85
CA ILE G 62 8.44 -16.09 -6.26
C ILE G 62 7.03 -15.76 -5.80
N VAL G 63 6.13 -16.73 -5.87
CA VAL G 63 4.75 -16.51 -5.45
C VAL G 63 4.42 -17.28 -4.17
N ALA G 64 5.42 -17.94 -3.61
CA ALA G 64 5.15 -18.95 -2.59
C ALA G 64 4.52 -18.39 -1.32
N HIS G 65 4.87 -17.16 -0.97
CA HIS G 65 4.37 -16.53 0.26
C HIS G 65 2.98 -15.90 0.09
N LEU G 66 2.39 -16.04 -1.09
CA LEU G 66 1.14 -15.35 -1.41
C LEU G 66 -0.13 -15.94 -0.81
N PRO G 67 -0.30 -17.28 -0.87
CA PRO G 67 -1.55 -17.79 -0.27
C PRO G 67 -1.60 -17.55 1.25
N LEU G 68 -0.47 -17.63 1.93
CA LEU G 68 -0.46 -17.42 3.37
C LEU G 68 -0.82 -15.97 3.67
N LEU G 69 -0.17 -15.05 2.97
CA LEU G 69 -0.48 -13.63 3.12
C LEU G 69 -1.93 -13.33 2.81
N CYS G 70 -2.50 -14.05 1.84
CA CYS G 70 -3.90 -13.86 1.45
C CYS G 70 -4.86 -14.35 2.52
N GLU G 71 -4.49 -15.46 3.15
CA GLU G 71 -5.30 -16.01 4.21
C GLU G 71 -5.27 -15.12 5.44
N GLU G 72 -4.07 -14.66 5.78
CA GLU G 72 -3.90 -13.87 6.99
C GLU G 72 -4.62 -12.53 6.86
N LYS G 73 -4.68 -12.04 5.64
CA LYS G 73 -5.40 -10.81 5.37
C LYS G 73 -6.78 -11.14 4.84
N ASN G 74 -7.17 -12.40 5.07
CA ASN G 74 -8.40 -13.01 4.49
C ASN G 74 -8.85 -12.46 3.14
N VAL G 75 -8.04 -12.76 2.13
CA VAL G 75 -8.39 -12.45 0.75
C VAL G 75 -8.61 -13.76 0.03
N PRO G 76 -9.68 -13.83 -0.76
CA PRO G 76 -9.85 -14.99 -1.64
C PRO G 76 -8.80 -14.96 -2.74
N TYR G 77 -8.22 -16.12 -2.99
CA TYR G 77 -7.32 -16.27 -4.13
C TYR G 77 -7.72 -17.47 -4.92
N ILE G 78 -7.28 -17.50 -6.16
CA ILE G 78 -7.63 -18.56 -7.08
C ILE G 78 -6.38 -18.90 -7.86
N TYR G 79 -6.29 -20.13 -8.35
CA TYR G 79 -5.12 -20.50 -9.15
C TYR G 79 -5.50 -20.57 -10.62
N VAL G 80 -4.54 -20.25 -11.49
CA VAL G 80 -4.72 -20.51 -12.92
C VAL G 80 -3.54 -21.27 -13.50
N LYS G 81 -3.79 -22.01 -14.57
CA LYS G 81 -2.80 -22.87 -15.20
C LYS G 81 -1.59 -22.13 -15.78
N SER G 82 -1.81 -21.03 -16.49
CA SER G 82 -0.68 -20.38 -17.17
C SER G 82 -0.47 -18.89 -16.87
N LYS G 83 0.77 -18.54 -16.56
CA LYS G 83 1.15 -17.16 -16.36
C LYS G 83 1.06 -16.37 -17.65
N ASN G 84 1.10 -17.07 -18.78
CA ASN G 84 0.94 -16.42 -20.07
C ASN G 84 -0.50 -15.95 -20.28
N ASP G 85 -1.45 -16.82 -20.00
CA ASP G 85 -2.86 -16.45 -20.04
C ASP G 85 -3.16 -15.35 -19.04
N LEU G 86 -2.48 -15.40 -17.91
CA LEU G 86 -2.66 -14.41 -16.86
C LEU G 86 -2.16 -13.03 -17.31
N GLY G 87 -0.97 -12.99 -17.91
CA GLY G 87 -0.43 -11.74 -18.42
C GLY G 87 -1.26 -11.20 -19.57
N ARG G 88 -1.88 -12.14 -20.30
CA ARG G 88 -2.78 -11.78 -21.37
C ARG G 88 -4.00 -11.07 -20.81
N ALA G 89 -4.60 -11.65 -19.78
CA ALA G 89 -5.85 -11.15 -19.21
C ALA G 89 -5.74 -9.77 -18.56
N VAL G 90 -4.56 -9.40 -18.10
CA VAL G 90 -4.39 -8.10 -17.46
C VAL G 90 -3.99 -7.02 -18.48
N GLY G 91 -3.80 -7.43 -19.72
CA GLY G 91 -3.49 -6.50 -20.79
C GLY G 91 -2.06 -6.03 -20.86
N ILE G 92 -1.11 -6.95 -20.74
CA ILE G 92 0.31 -6.63 -20.90
C ILE G 92 0.96 -7.61 -21.87
N GLU G 93 2.17 -7.31 -22.33
CA GLU G 93 2.78 -8.17 -23.37
C GLU G 93 3.44 -9.42 -22.84
N VAL G 94 4.02 -9.30 -21.66
CA VAL G 94 4.82 -10.33 -21.04
C VAL G 94 3.96 -11.14 -20.05
N PRO G 95 4.50 -12.25 -19.51
CA PRO G 95 3.71 -13.08 -18.58
C PRO G 95 3.59 -12.52 -17.16
N CYS G 96 2.44 -12.74 -16.53
CA CYS G 96 2.21 -12.31 -15.15
C CYS G 96 2.08 -13.50 -14.18
N ALA G 97 2.86 -13.48 -13.11
CA ALA G 97 2.84 -14.62 -12.19
C ALA G 97 1.72 -14.51 -11.15
N SER G 98 1.20 -13.31 -10.98
CA SER G 98 0.16 -13.06 -9.99
C SER G 98 -0.46 -11.66 -10.12
N ALA G 99 -1.77 -11.60 -9.96
CA ALA G 99 -2.47 -10.32 -10.07
C ALA G 99 -3.41 -10.18 -8.91
N ALA G 100 -4.05 -9.03 -8.78
CA ALA G 100 -5.02 -8.82 -7.71
C ALA G 100 -6.06 -7.80 -8.15
N ILE G 101 -7.32 -8.11 -7.92
CA ILE G 101 -8.37 -7.13 -8.11
C ILE G 101 -8.51 -6.32 -6.83
N ILE G 102 -8.48 -5.00 -6.95
CA ILE G 102 -8.58 -4.15 -5.76
C ILE G 102 -9.79 -3.23 -5.84
N ASN G 103 -10.38 -3.15 -7.03
CA ASN G 103 -11.70 -2.55 -7.21
C ASN G 103 -12.42 -3.15 -8.41
N GLU G 104 -13.75 -3.05 -8.42
CA GLU G 104 -14.55 -3.75 -9.42
C GLU G 104 -15.66 -2.89 -10.01
N GLY G 105 -16.30 -2.09 -9.16
CA GLY G 105 -17.37 -1.22 -9.62
C GLY G 105 -18.63 -1.99 -10.00
N GLU G 106 -18.69 -2.42 -11.26
CA GLU G 106 -19.89 -3.03 -11.82
C GLU G 106 -19.90 -4.55 -11.71
N LEU G 107 -18.71 -5.13 -11.77
CA LEU G 107 -18.59 -6.57 -11.89
C LEU G 107 -18.71 -7.29 -10.53
N ARG G 108 -19.18 -6.57 -9.52
CA ARG G 108 -19.17 -7.11 -8.15
C ARG G 108 -20.01 -8.37 -7.93
N LYS G 109 -21.15 -8.46 -8.60
CA LYS G 109 -22.02 -9.63 -8.54
C LYS G 109 -21.34 -10.93 -9.00
N GLU G 110 -20.99 -10.99 -10.29
CA GLU G 110 -20.34 -12.16 -10.87
C GLU G 110 -19.11 -12.59 -10.08
N LEU G 111 -18.34 -11.60 -9.62
CA LEU G 111 -17.16 -11.85 -8.81
C LEU G 111 -17.54 -12.43 -7.45
N GLY G 112 -18.66 -11.96 -6.89
CA GLY G 112 -19.14 -12.50 -5.63
C GLY G 112 -19.52 -13.96 -5.75
N SER G 113 -20.17 -14.28 -6.88
CA SER G 113 -20.54 -15.66 -7.17
C SER G 113 -19.29 -16.51 -7.38
N LEU G 114 -18.29 -15.92 -8.02
CA LEU G 114 -17.03 -16.61 -8.27
C LEU G 114 -16.28 -16.91 -6.97
N VAL G 115 -16.26 -15.94 -6.05
CA VAL G 115 -15.67 -16.11 -4.73
C VAL G 115 -16.41 -17.20 -3.95
N GLU G 116 -17.73 -17.18 -4.06
CA GLU G 116 -18.53 -18.22 -3.43
C GLU G 116 -18.20 -19.60 -3.99
N LYS G 117 -17.94 -19.67 -5.31
CA LYS G 117 -17.60 -20.95 -5.92
C LYS G 117 -16.24 -21.40 -5.43
N ILE G 118 -15.33 -20.44 -5.25
CA ILE G 118 -14.00 -20.71 -4.75
C ILE G 118 -14.05 -21.29 -3.34
N LYS G 119 -14.83 -20.66 -2.46
CA LYS G 119 -14.96 -21.11 -1.06
C LYS G 119 -15.53 -22.53 -0.98
N GLY G 120 -16.22 -22.93 -2.05
CA GLY G 120 -16.79 -24.27 -2.15
C GLY G 120 -15.76 -25.40 -2.06
N LEU G 121 -14.52 -25.12 -2.46
CA LEU G 121 -13.45 -26.08 -2.30
C LEU G 121 -12.66 -25.77 -1.02
P 2HP I . 1.27 -3.37 14.45
O1 2HP I . 1.64 -4.08 15.73
O2 2HP I . 2.09 -3.90 13.29
O3 2HP I . -0.21 -3.56 14.20
O4 2HP I . 1.56 -1.90 14.57
P 2HP J . 6.38 5.36 -13.79
O1 2HP J . 5.13 5.86 -13.09
O2 2HP J . 7.53 5.35 -12.79
O3 2HP J . 6.13 3.96 -14.28
O4 2HP J . 6.70 6.25 -14.96
#